data_6ANY
#
_entry.id   6ANY
#
_cell.length_a   85.790
_cell.length_b   85.790
_cell.length_c   66.670
_cell.angle_alpha   90.00
_cell.angle_beta   90.00
_cell.angle_gamma   90.00
#
_symmetry.space_group_name_H-M   'P 43 21 2'
#
loop_
_entity.id
_entity.type
_entity.pdbx_description
1 polymer 'Bm4233, isoform b'
2 branched alpha-L-fucopyranose-(1-3)-2-acetamido-2-deoxy-beta-D-glucopyranose
3 branched beta-D-mannopyranose-(1-4)-2-acetamido-2-deoxy-beta-D-glucopyranose-(1-4)-[alpha-L-fucopyranose-(1-3)]2-acetamido-2-deoxy-beta-D-glucopyranose
4 non-polymer 'SULFATE ION'
5 water water
#
_entity_poly.entity_id   1
_entity_poly.type   'polypeptide(L)'
_entity_poly.pdbx_seq_one_letter_code
;FECPGGRLTPQQRKDIVRQNNKFRSLLIHGKLKNRNGTYMPRGKNMLLLKWSCQLENSAQRWANQCVFGHSPRNQRQGIG
ENVYAYWSSESVEKLRNTAGTEAGKSWWSELPKLYKQNPSNNLTDDVARQGVLHFTQMAWGKTHKIGCGIATNCDGGRTL
IAICHYSPAGNMLKELIYELGEPCKTDSDCNTKKCAKKSGLCRKEL
;
_entity_poly.pdbx_strand_id   A
#
# COMPACT_ATOMS: atom_id res chain seq x y z
N PHE A 1 -11.17 -11.70 5.87
CA PHE A 1 -10.23 -12.17 4.78
C PHE A 1 -10.81 -13.24 3.81
N GLU A 2 -12.13 -13.37 3.82
CA GLU A 2 -12.86 -14.25 2.92
C GLU A 2 -13.57 -13.36 1.94
N CYS A 3 -13.41 -13.55 0.63
CA CYS A 3 -14.05 -12.67 -0.34
C CYS A 3 -14.68 -13.57 -1.35
N PRO A 4 -16.01 -13.60 -1.37
CA PRO A 4 -16.75 -14.45 -2.32
C PRO A 4 -16.39 -14.11 -3.75
N GLY A 5 -16.20 -15.14 -4.55
CA GLY A 5 -15.79 -15.01 -5.93
C GLY A 5 -14.35 -14.56 -6.14
N GLY A 6 -13.55 -14.42 -5.10
CA GLY A 6 -12.18 -13.99 -5.26
C GLY A 6 -11.21 -15.08 -5.72
N ARG A 7 -10.08 -14.62 -6.21
CA ARG A 7 -9.03 -15.52 -6.74
C ARG A 7 -7.81 -15.49 -5.87
N LEU A 8 -7.91 -14.80 -4.74
CA LEU A 8 -6.86 -14.84 -3.75
C LEU A 8 -7.24 -15.78 -2.61
N THR A 9 -6.25 -16.26 -1.88
CA THR A 9 -6.53 -17.05 -0.69
C THR A 9 -6.67 -16.13 0.50
N PRO A 10 -7.28 -16.58 1.61
CA PRO A 10 -7.36 -15.76 2.78
C PRO A 10 -6.02 -15.35 3.31
N GLN A 11 -5.07 -16.27 3.26
CA GLN A 11 -3.73 -16.00 3.71
C GLN A 11 -2.96 -14.96 2.92
N GLN A 12 -3.11 -14.99 1.62
CA GLN A 12 -2.53 -13.94 0.84
C GLN A 12 -3.07 -12.58 1.25
N ARG A 13 -4.37 -12.46 1.48
CA ARG A 13 -4.97 -11.20 1.85
C ARG A 13 -4.43 -10.73 3.18
N LYS A 14 -4.35 -11.64 4.13
CA LYS A 14 -3.78 -11.32 5.43
C LYS A 14 -2.33 -10.89 5.36
N ASP A 15 -1.52 -11.62 4.60
CA ASP A 15 -0.11 -11.29 4.51
C ASP A 15 0.08 -9.86 3.93
N ILE A 16 -0.75 -9.50 2.97
CA ILE A 16 -0.64 -8.20 2.33
C ILE A 16 -0.96 -7.13 3.36
N VAL A 17 -2.03 -7.35 4.12
CA VAL A 17 -2.49 -6.35 5.10
C VAL A 17 -1.50 -6.20 6.26
N ARG A 18 -1.03 -7.32 6.78
CA ARG A 18 -0.12 -7.38 7.86
C ARG A 18 1.19 -6.74 7.49
N GLN A 19 1.70 -7.04 6.29
CA GLN A 19 2.93 -6.37 5.81
C GLN A 19 2.78 -4.84 5.68
N ASN A 20 1.74 -4.40 5.01
CA ASN A 20 1.55 -2.96 4.76
C ASN A 20 1.34 -2.21 6.10
N ASN A 21 0.70 -2.83 7.07
CA ASN A 21 0.44 -2.21 8.36
C ASN A 21 1.71 -2.23 9.18
N LYS A 22 2.47 -3.30 9.10
CA LYS A 22 3.82 -3.30 9.71
C LYS A 22 4.72 -2.17 9.19
N PHE A 23 4.75 -2.01 7.87
CA PHE A 23 5.46 -0.90 7.27
C PHE A 23 5.02 0.42 7.85
N ARG A 24 3.70 0.61 7.92
CA ARG A 24 3.14 1.85 8.39
C ARG A 24 3.52 2.13 9.81
N SER A 25 3.43 1.12 10.66
CA SER A 25 3.82 1.26 12.07
C SER A 25 5.31 1.56 12.24
N LEU A 26 6.16 0.80 11.55
CA LEU A 26 7.62 1.08 11.57
C LEU A 26 7.89 2.49 11.14
N LEU A 27 7.18 2.96 10.11
CA LEU A 27 7.37 4.32 9.64
C LEU A 27 6.97 5.38 10.67
N ILE A 28 5.78 5.26 11.26
CA ILE A 28 5.34 6.30 12.27
C ILE A 28 6.10 6.23 13.61
N HIS A 29 6.82 5.11 13.85
CA HIS A 29 7.70 4.99 14.97
C HIS A 29 9.13 5.47 14.70
N GLY A 30 9.37 6.13 13.56
CA GLY A 30 10.68 6.70 13.28
C GLY A 30 11.76 5.67 13.01
N LYS A 31 11.39 4.47 12.53
CA LYS A 31 12.40 3.39 12.35
C LYS A 31 12.91 3.24 10.91
N LEU A 32 12.40 4.03 9.97
CA LEU A 32 12.75 3.81 8.54
C LEU A 32 13.46 5.01 7.90
N LYS A 33 14.53 4.74 7.18
CA LYS A 33 15.38 5.73 6.60
C LYS A 33 14.86 6.12 5.23
N ASN A 34 15.07 7.38 4.87
CA ASN A 34 14.85 7.83 3.53
C ASN A 34 16.15 7.70 2.73
N ARG A 35 16.12 8.22 1.54
CA ARG A 35 17.27 8.20 0.62
C ARG A 35 18.56 8.89 1.13
N ASN A 36 18.35 9.89 1.97
CA ASN A 36 19.42 10.66 2.58
C ASN A 36 20.02 9.95 3.79
N GLY A 37 19.51 8.77 4.14
CA GLY A 37 20.06 8.05 5.29
C GLY A 37 19.48 8.59 6.62
N THR A 38 18.48 9.44 6.56
CA THR A 38 17.88 10.02 7.78
C THR A 38 16.50 9.40 8.05
N TYR A 39 16.19 9.13 9.32
CA TYR A 39 14.91 8.54 9.71
C TYR A 39 13.72 9.40 9.31
N MET A 40 12.66 8.76 8.86
CA MET A 40 11.44 9.44 8.57
C MET A 40 10.82 9.89 9.86
N PRO A 41 10.01 10.94 9.81
CA PRO A 41 9.53 11.55 11.06
C PRO A 41 8.46 10.69 11.69
N ARG A 42 8.37 10.73 13.00
CA ARG A 42 7.29 10.06 13.73
C ARG A 42 5.95 10.63 13.34
N GLY A 43 4.95 9.75 13.26
CA GLY A 43 3.63 10.06 12.79
C GLY A 43 2.49 9.70 13.72
N LYS A 44 1.37 10.45 13.57
CA LYS A 44 0.14 10.20 14.32
C LYS A 44 -0.98 10.09 13.34
N ASN A 45 -2.09 9.56 13.83
CA ASN A 45 -3.27 9.31 13.00
C ASN A 45 -3.02 8.49 11.69
N MET A 46 -2.06 7.58 11.71
CA MET A 46 -1.83 6.71 10.54
C MET A 46 -2.85 5.57 10.69
N LEU A 47 -3.78 5.48 9.75
CA LEU A 47 -4.86 4.49 9.83
C LEU A 47 -4.40 3.05 9.60
N LEU A 48 -5.02 2.12 10.32
CA LEU A 48 -4.75 0.72 10.17
C LEU A 48 -5.53 0.19 8.92
N LEU A 49 -4.80 -0.30 7.94
CA LEU A 49 -5.43 -0.80 6.70
C LEU A 49 -6.32 -2.01 6.94
N LYS A 50 -7.51 -2.00 6.33
CA LYS A 50 -8.43 -3.14 6.37
C LYS A 50 -8.53 -3.65 4.93
N TRP A 51 -8.68 -4.95 4.78
CA TRP A 51 -8.96 -5.57 3.54
C TRP A 51 -10.35 -5.30 3.08
N SER A 52 -10.47 -4.90 1.81
CA SER A 52 -11.80 -4.66 1.20
C SER A 52 -11.98 -5.61 -0.03
N CYS A 53 -12.93 -6.54 0.05
CA CYS A 53 -13.37 -7.38 -1.05
C CYS A 53 -13.81 -6.59 -2.30
N GLN A 54 -14.48 -5.47 -2.08
CA GLN A 54 -14.86 -4.57 -3.17
C GLN A 54 -13.63 -4.10 -3.93
N LEU A 55 -12.58 -3.71 -3.19
CA LEU A 55 -11.34 -3.25 -3.79
C LEU A 55 -10.60 -4.40 -4.49
N GLU A 56 -10.60 -5.57 -3.88
CA GLU A 56 -10.05 -6.74 -4.49
C GLU A 56 -10.73 -7.04 -5.75
N ASN A 57 -12.07 -6.91 -5.80
CA ASN A 57 -12.77 -7.20 -7.04
C ASN A 57 -12.36 -6.26 -8.21
N SER A 58 -12.21 -4.96 -7.95
CA SER A 58 -11.82 -4.07 -9.02
C SER A 58 -10.36 -4.31 -9.42
N ALA A 59 -9.51 -4.55 -8.43
CA ALA A 59 -8.08 -4.83 -8.69
C ALA A 59 -7.88 -6.12 -9.45
N GLN A 60 -8.62 -7.16 -9.06
CA GLN A 60 -8.61 -8.45 -9.77
C GLN A 60 -9.08 -8.31 -11.21
N ARG A 61 -10.14 -7.52 -11.45
CA ARG A 61 -10.61 -7.34 -12.81
C ARG A 61 -9.50 -6.82 -13.70
N TRP A 62 -8.68 -5.90 -13.15
CA TRP A 62 -7.61 -5.35 -13.88
C TRP A 62 -6.44 -6.30 -14.06
N ALA A 63 -6.10 -7.05 -13.02
CA ALA A 63 -5.06 -8.05 -13.07
C ALA A 63 -5.28 -9.12 -14.12
N ASN A 64 -6.53 -9.56 -14.27
CA ASN A 64 -6.94 -10.50 -15.32
C ASN A 64 -6.55 -10.07 -16.73
N GLN A 65 -6.38 -8.76 -16.99
CA GLN A 65 -5.97 -8.28 -18.30
C GLN A 65 -4.53 -8.59 -18.66
N CYS A 66 -3.67 -8.90 -17.65
CA CYS A 66 -2.26 -9.16 -17.83
C CYS A 66 -1.55 -7.99 -18.53
N VAL A 67 -1.87 -6.77 -18.09
CA VAL A 67 -1.23 -5.61 -18.63
C VAL A 67 -0.49 -4.92 -17.55
N PHE A 68 0.81 -4.69 -17.79
CA PHE A 68 1.62 -3.94 -16.85
C PHE A 68 1.39 -2.47 -17.07
N GLY A 69 0.37 -1.95 -16.41
CA GLY A 69 0.03 -0.53 -16.51
C GLY A 69 -1.17 -0.22 -15.65
N HIS A 70 -1.53 1.05 -15.61
CA HIS A 70 -2.70 1.46 -14.88
C HIS A 70 -4.01 1.12 -15.60
N SER A 71 -5.05 0.86 -14.81
CA SER A 71 -6.37 0.75 -15.35
C SER A 71 -6.82 2.12 -15.74
N PRO A 72 -7.86 2.23 -16.55
CA PRO A 72 -8.30 3.56 -16.98
C PRO A 72 -8.77 4.40 -15.82
N ARG A 73 -8.59 5.71 -15.92
CA ARG A 73 -8.99 6.67 -14.86
C ARG A 73 -10.43 6.51 -14.39
N ASN A 74 -11.35 6.44 -15.35
CA ASN A 74 -12.80 6.24 -15.06
C ASN A 74 -13.18 4.98 -14.32
N GLN A 75 -12.28 4.00 -14.15
CA GLN A 75 -12.52 2.81 -13.28
C GLN A 75 -11.78 2.87 -11.95
N ARG A 76 -11.10 3.99 -11.74
CA ARG A 76 -10.29 4.26 -10.54
C ARG A 76 -10.80 5.52 -9.77
N GLN A 77 -12.05 5.94 -9.97
CA GLN A 77 -12.50 7.20 -9.33
C GLN A 77 -12.56 7.04 -7.80
N GLY A 78 -11.89 7.92 -7.06
CA GLY A 78 -11.83 7.82 -5.59
C GLY A 78 -10.92 6.73 -5.07
N ILE A 79 -10.09 6.15 -5.94
CA ILE A 79 -9.36 4.92 -5.62
C ILE A 79 -7.93 5.06 -6.09
N GLY A 80 -6.97 4.74 -5.18
CA GLY A 80 -5.57 4.65 -5.54
C GLY A 80 -5.23 3.33 -6.20
N GLU A 81 -4.15 3.30 -7.02
CA GLU A 81 -3.74 2.04 -7.66
C GLU A 81 -2.26 1.86 -7.75
N ASN A 82 -1.72 0.70 -7.34
CA ASN A 82 -0.32 0.35 -7.44
C ASN A 82 -0.26 -0.94 -8.29
N VAL A 83 0.74 -1.02 -9.16
CA VAL A 83 0.93 -2.09 -10.14
C VAL A 83 2.31 -2.67 -10.01
N TYR A 84 2.39 -4.00 -9.93
CA TYR A 84 3.66 -4.72 -9.82
C TYR A 84 3.67 -5.90 -10.78
N ALA A 85 4.81 -6.18 -11.39
CA ALA A 85 5.00 -7.37 -12.23
C ALA A 85 6.37 -8.04 -12.00
N TYR A 86 6.37 -9.33 -12.22
CA TYR A 86 7.57 -10.08 -12.25
C TYR A 86 7.57 -10.90 -13.48
N TRP A 87 8.65 -10.79 -14.25
CA TRP A 87 8.75 -11.46 -15.52
C TRP A 87 9.78 -12.53 -15.47
N SER A 88 9.34 -13.79 -15.67
CA SER A 88 10.24 -14.92 -15.62
C SER A 88 10.35 -15.62 -17.01
N SER A 89 11.36 -16.47 -17.16
CA SER A 89 11.50 -17.39 -18.30
C SER A 89 10.97 -18.80 -17.97
N GLU A 90 10.49 -19.01 -16.75
CA GLU A 90 9.81 -20.22 -16.29
C GLU A 90 8.45 -19.85 -15.61
N SER A 91 7.73 -20.86 -15.20
CA SER A 91 6.45 -20.72 -14.54
C SER A 91 6.60 -19.91 -13.27
N VAL A 92 5.67 -19.00 -13.06
CA VAL A 92 5.60 -18.19 -11.82
C VAL A 92 4.67 -18.73 -10.74
N GLU A 93 4.20 -19.98 -10.86
CA GLU A 93 3.16 -20.50 -9.92
C GLU A 93 3.68 -20.54 -8.52
N LYS A 94 4.97 -20.85 -8.39
CA LYS A 94 5.64 -20.82 -7.12
C LYS A 94 5.70 -19.41 -6.46
N LEU A 95 5.51 -18.34 -7.24
CA LEU A 95 5.59 -16.99 -6.74
C LEU A 95 4.25 -16.45 -6.38
N ARG A 96 3.16 -17.19 -6.64
CA ARG A 96 1.84 -16.65 -6.39
C ARG A 96 1.55 -16.35 -4.94
N ASN A 97 1.98 -17.26 -4.06
CA ASN A 97 1.68 -17.18 -2.65
C ASN A 97 2.40 -16.00 -1.92
N THR A 98 3.50 -15.48 -2.46
CA THR A 98 4.13 -14.28 -1.98
C THR A 98 3.97 -13.10 -2.95
N ALA A 99 3.04 -13.17 -3.89
CA ALA A 99 2.97 -12.05 -4.88
C ALA A 99 2.72 -10.71 -4.23
N GLY A 100 1.74 -10.65 -3.31
CA GLY A 100 1.35 -9.39 -2.66
C GLY A 100 2.42 -8.77 -1.83
N THR A 101 3.18 -9.60 -1.13
CA THR A 101 4.22 -9.13 -0.22
C THR A 101 5.50 -8.78 -1.00
N GLU A 102 5.74 -9.47 -2.09
CA GLU A 102 6.83 -9.09 -2.93
C GLU A 102 6.52 -7.74 -3.58
N ALA A 103 5.28 -7.56 -4.03
CA ALA A 103 4.89 -6.30 -4.57
C ALA A 103 4.98 -5.13 -3.57
N GLY A 104 4.69 -5.39 -2.32
CA GLY A 104 4.65 -4.34 -1.28
C GLY A 104 6.07 -3.97 -1.01
N LYS A 105 6.96 -4.94 -1.01
CA LYS A 105 8.40 -4.65 -0.78
C LYS A 105 8.97 -3.79 -1.93
N SER A 106 8.54 -4.09 -3.12
CA SER A 106 8.99 -3.36 -4.28
C SER A 106 8.50 -1.92 -4.28
N TRP A 107 7.23 -1.73 -4.10
CA TRP A 107 6.65 -0.35 -3.97
C TRP A 107 7.25 0.43 -2.81
N TRP A 108 7.34 -0.25 -1.69
CA TRP A 108 7.83 0.36 -0.46
C TRP A 108 9.30 0.74 -0.58
N SER A 109 10.06 -0.03 -1.38
CA SER A 109 11.50 0.22 -1.52
C SER A 109 11.79 1.59 -2.11
N GLU A 110 10.79 2.25 -2.69
CA GLU A 110 10.92 3.65 -3.13
C GLU A 110 11.37 4.59 -2.03
N LEU A 111 11.06 4.25 -0.76
CA LEU A 111 11.40 5.17 0.31
C LEU A 111 12.92 5.30 0.49
N PRO A 112 13.62 4.17 0.74
CA PRO A 112 15.07 4.26 0.95
C PRO A 112 15.84 4.56 -0.31
N LYS A 113 15.36 4.12 -1.45
CA LYS A 113 16.08 4.31 -2.75
C LYS A 113 15.82 5.62 -3.47
N LEU A 114 14.59 6.16 -3.43
CA LEU A 114 14.23 7.35 -4.20
C LEU A 114 13.66 8.56 -3.43
N TYR A 115 13.29 8.38 -2.18
CA TYR A 115 12.57 9.43 -1.41
C TYR A 115 13.58 10.28 -0.63
N LYS A 116 13.80 11.49 -1.11
CA LYS A 116 14.75 12.37 -0.48
C LYS A 116 14.17 12.93 0.82
N GLN A 117 15.07 13.28 1.72
CA GLN A 117 14.69 13.96 2.97
C GLN A 117 13.64 15.05 2.73
N ASN A 118 12.46 14.88 3.37
CA ASN A 118 11.29 15.76 3.21
C ASN A 118 10.63 16.03 4.59
N PRO A 119 11.26 16.84 5.45
CA PRO A 119 10.88 17.00 6.85
C PRO A 119 9.42 17.41 7.10
N SER A 120 8.89 18.32 6.28
CA SER A 120 7.48 18.69 6.35
C SER A 120 6.51 17.55 6.11
N ASN A 121 6.96 16.48 5.42
CA ASN A 121 6.16 15.29 5.03
C ASN A 121 5.08 15.69 4.02
N ASN A 122 5.26 16.85 3.41
CA ASN A 122 4.33 17.40 2.43
C ASN A 122 4.57 16.79 1.05
N LEU A 123 3.49 16.46 0.34
CA LEU A 123 3.61 15.89 -0.98
C LEU A 123 3.58 16.98 -2.04
N THR A 124 4.70 17.70 -2.16
CA THR A 124 4.80 18.79 -3.15
C THR A 124 5.18 18.20 -4.49
N ASP A 125 5.09 19.04 -5.52
CA ASP A 125 5.41 18.66 -6.90
C ASP A 125 6.84 18.10 -7.00
N ASP A 126 7.79 18.70 -6.29
CA ASP A 126 9.18 18.25 -6.36
C ASP A 126 9.36 16.86 -5.67
N VAL A 127 8.59 16.60 -4.60
CA VAL A 127 8.61 15.30 -3.96
C VAL A 127 7.98 14.23 -4.90
N ALA A 128 6.80 14.56 -5.49
CA ALA A 128 6.03 13.69 -6.40
C ALA A 128 6.79 13.25 -7.65
N ARG A 129 7.59 14.15 -8.16
CA ARG A 129 8.37 13.97 -9.36
C ARG A 129 9.46 12.90 -9.22
N GLN A 130 9.85 12.58 -7.98
CA GLN A 130 10.80 11.52 -7.70
C GLN A 130 10.36 10.05 -7.98
N GLY A 131 9.09 9.78 -8.17
CA GLY A 131 8.68 8.37 -8.43
C GLY A 131 8.65 7.59 -7.14
N VAL A 132 8.00 8.17 -6.16
CA VAL A 132 7.86 7.60 -4.84
C VAL A 132 6.37 7.39 -4.56
N LEU A 133 5.55 7.53 -5.62
CA LEU A 133 4.12 7.47 -5.49
C LEU A 133 3.56 6.13 -5.09
N HIS A 134 4.28 5.03 -5.38
CA HIS A 134 3.81 3.72 -4.96
C HIS A 134 3.94 3.63 -3.42
N PHE A 135 5.10 4.02 -2.93
CA PHE A 135 5.40 4.07 -1.54
C PHE A 135 4.43 5.05 -0.81
N THR A 136 4.20 6.23 -1.38
CA THR A 136 3.40 7.24 -0.70
C THR A 136 1.96 6.78 -0.52
N GLN A 137 1.42 6.03 -1.49
CA GLN A 137 0.09 5.45 -1.37
C GLN A 137 0.08 4.40 -0.26
N MET A 138 1.12 3.57 -0.19
CA MET A 138 1.18 2.55 0.87
C MET A 138 1.30 3.22 2.23
N ALA A 139 1.97 4.39 2.25
CA ALA A 139 2.16 5.13 3.50
C ALA A 139 1.09 6.19 3.84
N TRP A 140 0.04 6.32 3.04
CA TRP A 140 -0.85 7.47 3.10
C TRP A 140 -1.73 7.33 4.34
N GLY A 141 -1.53 8.22 5.30
CA GLY A 141 -2.24 8.14 6.58
C GLY A 141 -3.73 8.08 6.49
N LYS A 142 -4.28 8.89 5.62
CA LYS A 142 -5.72 8.84 5.39
C LYS A 142 -6.32 7.56 4.71
N THR A 143 -5.53 6.81 3.97
CA THR A 143 -6.01 5.58 3.32
C THR A 143 -6.27 4.56 4.41
N HIS A 144 -7.38 3.83 4.34
CA HIS A 144 -7.69 2.77 5.31
C HIS A 144 -8.23 1.50 4.74
N LYS A 145 -8.33 1.42 3.42
CA LYS A 145 -8.88 0.24 2.73
C LYS A 145 -7.94 -0.23 1.65
N ILE A 146 -7.76 -1.52 1.53
CA ILE A 146 -6.84 -2.08 0.52
C ILE A 146 -7.47 -3.34 -0.04
N GLY A 147 -7.31 -3.56 -1.32
CA GLY A 147 -7.71 -4.78 -1.93
C GLY A 147 -6.84 -5.00 -3.16
N CYS A 148 -6.51 -6.26 -3.38
CA CYS A 148 -5.51 -6.62 -4.39
C CYS A 148 -5.91 -7.81 -5.21
N GLY A 149 -5.41 -7.83 -6.42
CA GLY A 149 -5.75 -8.88 -7.38
C GLY A 149 -4.47 -9.40 -8.01
N ILE A 150 -4.44 -10.69 -8.31
CA ILE A 150 -3.24 -11.32 -8.80
C ILE A 150 -3.52 -12.21 -10.01
N ALA A 151 -2.59 -12.16 -10.95
CA ALA A 151 -2.67 -12.99 -12.17
C ALA A 151 -1.36 -13.67 -12.37
N THR A 152 -1.34 -14.98 -12.52
CA THR A 152 -0.14 -15.73 -12.84
C THR A 152 -0.20 -16.54 -14.10
N ASN A 153 -1.23 -16.32 -14.88
CA ASN A 153 -1.39 -16.98 -16.18
C ASN A 153 -0.83 -16.18 -17.33
N CYS A 154 -0.41 -14.94 -17.04
CA CYS A 154 0.11 -14.00 -18.05
C CYS A 154 1.32 -14.59 -18.76
N ASP A 155 1.43 -14.35 -20.07
CA ASP A 155 2.53 -14.86 -20.89
C ASP A 155 2.80 -16.34 -20.75
N GLY A 156 1.79 -17.12 -20.99
CA GLY A 156 1.90 -18.54 -20.82
C GLY A 156 2.26 -19.03 -19.43
N GLY A 157 1.82 -18.31 -18.37
CA GLY A 157 2.21 -18.61 -17.00
C GLY A 157 3.59 -18.15 -16.57
N ARG A 158 4.21 -17.24 -17.33
CA ARG A 158 5.60 -16.87 -17.08
C ARG A 158 5.73 -15.45 -16.53
N THR A 159 4.61 -14.77 -16.40
CA THR A 159 4.55 -13.45 -15.89
C THR A 159 3.51 -13.33 -14.78
N LEU A 160 3.93 -12.70 -13.68
CA LEU A 160 3.10 -12.46 -12.55
C LEU A 160 2.77 -11.03 -12.50
N ILE A 161 1.48 -10.72 -12.28
CA ILE A 161 1.03 -9.34 -12.12
C ILE A 161 0.28 -9.20 -10.83
N ALA A 162 0.59 -8.20 -10.05
CA ALA A 162 -0.17 -7.93 -8.85
C ALA A 162 -0.70 -6.49 -8.89
N ILE A 163 -1.97 -6.31 -8.61
CA ILE A 163 -2.61 -5.00 -8.61
C ILE A 163 -3.25 -4.76 -7.24
N CYS A 164 -2.96 -3.62 -6.64
CA CYS A 164 -3.57 -3.24 -5.37
C CYS A 164 -4.28 -1.93 -5.57
N HIS A 165 -5.50 -1.89 -5.04
CA HIS A 165 -6.36 -0.69 -4.95
C HIS A 165 -6.54 -0.18 -3.53
N TYR A 166 -6.52 1.14 -3.38
CA TYR A 166 -6.52 1.78 -2.05
C TYR A 166 -7.60 2.80 -1.97
N SER A 167 -8.27 2.88 -0.83
CA SER A 167 -9.32 3.88 -0.63
C SER A 167 -9.36 4.36 0.82
N PRO A 168 -9.47 5.67 1.01
CA PRO A 168 -9.53 6.62 -0.11
C PRO A 168 -8.17 6.75 -0.77
N ALA A 169 -8.18 7.26 -2.00
CA ALA A 169 -6.98 7.42 -2.77
C ALA A 169 -6.05 8.40 -2.12
N GLY A 170 -4.79 8.04 -2.13
CA GLY A 170 -3.71 8.80 -1.57
C GLY A 170 -3.14 9.74 -2.64
N ASN A 171 -2.02 10.35 -2.33
CA ASN A 171 -1.22 11.15 -3.26
C ASN A 171 -1.88 12.45 -3.81
N MET A 172 -2.69 13.09 -3.00
CA MET A 172 -3.23 14.39 -3.33
C MET A 172 -2.07 15.40 -3.13
N LEU A 173 -1.76 16.19 -4.17
CA LEU A 173 -0.64 17.10 -4.09
C LEU A 173 -0.92 18.20 -3.09
N LYS A 174 0.13 18.55 -2.38
CA LYS A 174 0.11 19.63 -1.40
C LYS A 174 -0.55 19.23 -0.10
N GLU A 175 -0.89 17.95 0.05
CA GLU A 175 -1.29 17.40 1.33
C GLU A 175 -0.13 16.63 1.89
N LEU A 176 -0.13 16.47 3.21
CA LEU A 176 0.91 15.67 3.87
C LEU A 176 0.66 14.19 3.62
N ILE A 177 1.71 13.41 3.55
CA ILE A 177 1.60 11.96 3.36
C ILE A 177 0.95 11.33 4.61
N TYR A 178 1.48 11.75 5.76
CA TYR A 178 0.88 11.44 7.04
C TYR A 178 1.14 12.57 8.04
N GLU A 179 0.36 12.65 9.10
CA GLU A 179 0.48 13.75 10.09
C GLU A 179 1.69 13.51 11.00
N LEU A 180 2.46 14.57 11.23
CA LEU A 180 3.58 14.57 12.18
C LEU A 180 3.09 14.55 13.62
N GLY A 181 3.53 13.55 14.37
CA GLY A 181 3.11 13.42 15.75
C GLY A 181 3.64 12.15 16.35
N GLU A 182 2.99 11.74 17.41
CA GLU A 182 3.33 10.46 18.09
C GLU A 182 2.30 9.34 17.75
N PRO A 183 2.77 8.11 17.55
CA PRO A 183 1.84 7.00 17.42
C PRO A 183 0.87 6.90 18.61
N CYS A 184 -0.37 6.52 18.36
CA CYS A 184 -1.37 6.45 19.40
C CYS A 184 -1.01 5.36 20.49
N LYS A 185 -1.22 5.75 21.73
CA LYS A 185 -1.05 4.91 22.88
C LYS A 185 -2.40 4.53 23.50
N THR A 186 -3.41 5.37 23.27
CA THR A 186 -4.71 5.12 23.80
C THR A 186 -5.77 5.62 22.81
N ASP A 187 -7.02 5.18 22.98
CA ASP A 187 -8.05 5.56 21.98
C ASP A 187 -8.24 7.03 21.72
N SER A 188 -8.14 7.82 22.78
CA SER A 188 -8.41 9.24 22.73
C SER A 188 -7.36 10.00 21.92
N ASP A 189 -6.18 9.40 21.75
CA ASP A 189 -5.14 9.93 20.89
C ASP A 189 -5.54 9.93 19.43
N CYS A 190 -6.43 9.04 19.04
CA CYS A 190 -6.80 8.93 17.64
C CYS A 190 -7.96 9.82 17.29
N ASN A 191 -7.98 10.45 16.14
CA ASN A 191 -9.21 11.18 15.81
C ASN A 191 -10.31 10.12 15.61
N THR A 192 -10.00 8.97 14.99
CA THR A 192 -11.10 7.99 14.87
C THR A 192 -11.59 7.48 16.22
N LYS A 193 -10.82 7.73 17.28
CA LYS A 193 -11.20 7.35 18.67
C LYS A 193 -11.07 5.86 18.97
N LYS A 194 -10.26 5.20 18.14
CA LYS A 194 -9.89 3.86 18.43
C LYS A 194 -8.48 3.60 17.99
N CYS A 195 -7.66 3.11 18.93
CA CYS A 195 -6.23 2.96 18.71
C CYS A 195 -5.88 1.50 18.80
N ALA A 196 -5.06 1.04 17.85
CA ALA A 196 -4.47 -0.26 17.90
C ALA A 196 -3.16 -0.09 18.61
N LYS A 197 -3.13 -0.42 19.89
CA LYS A 197 -2.03 -0.08 20.79
C LYS A 197 -0.73 -0.84 20.43
N LYS A 198 -0.83 -2.10 20.03
CA LYS A 198 0.34 -2.85 19.61
C LYS A 198 1.07 -2.19 18.47
N SER A 199 0.34 -1.67 17.49
CA SER A 199 0.98 -1.08 16.33
C SER A 199 1.14 0.43 16.44
N GLY A 200 0.32 1.09 17.26
CA GLY A 200 0.31 2.55 17.33
C GLY A 200 -0.47 3.14 16.16
N LEU A 201 -1.24 2.35 15.44
CA LEU A 201 -2.05 2.85 14.32
C LEU A 201 -3.47 3.00 14.74
N CYS A 202 -4.17 3.96 14.15
CA CYS A 202 -5.56 4.24 14.46
C CYS A 202 -6.49 3.40 13.65
N ARG A 203 -7.52 2.87 14.29
CA ARG A 203 -8.46 1.97 13.66
C ARG A 203 -9.61 2.72 12.99
N LYS A 204 -10.00 2.28 11.81
CA LYS A 204 -11.08 2.87 11.04
C LYS A 204 -11.76 1.79 10.23
N GLU A 205 -13.02 1.54 10.46
CA GLU A 205 -13.55 0.29 9.98
C GLU A 205 -14.13 0.37 8.60
N LEU A 206 -14.37 -0.83 8.03
CA LEU A 206 -14.81 -1.19 6.65
C LEU A 206 -13.73 -1.50 5.58
#